data_6AY4
#
_entry.id   6AY4
#
_cell.length_a   122.110
_cell.length_b   55.310
_cell.length_c   73.490
_cell.angle_alpha   90.000
_cell.angle_beta   101.520
_cell.angle_gamma   90.000
#
_symmetry.space_group_name_H-M   'C 1 2 1'
#
loop_
_entity.id
_entity.type
_entity.pdbx_description
1 polymer 'CYP51, sterol 14alpha-demethylase'
2 non-polymer 'PROTOPORPHYRIN IX CONTAINING FE'
3 non-polymer 1,2-ETHANEDIOL
4 non-polymer 2-(2,4-DIFLUOROPHENYL)-1,3-DI(1H-1,2,4-TRIAZOL-1-YL)PROPAN-2-OL
5 water water
#
_entity_poly.entity_id   1
_entity_poly.type   'polypeptide(L)'
_entity_poly.pdbx_seq_one_letter_code
;MAKKTSSKGKLPPRVPNLIPYVGSFVSFAKNPVQFIIDNSKKYGDVFTATILGKEMTFLNHPKILDTFFKATDNELSLRD
VYRFMRPVFGTGVVYDADSTERMMEQVKFVSSGLTTARFRVFVDIFEDEIAHKVKELGPEGTVDVAELMADLIIFTASRC
LLGDEVRQYLSEKNLGKLYHDIDDGISPLSFFYPSLPAPKRDKARKAVGEIFQELLDKRREEHKKHPERLLDESKMDVVD
HLLTQKYKDGQELTDVHRIGILIAGLFAGQHTSSITSSWTLMNVISNKKVLEKVRKEQEEIMGSDKVLDYDKVMKMDYLE
ACMKEALRMYPPLIMIMRMARKPRECEQYIIPKGNILVVSPSVAGRCTDTYTNPDVFDPERLTERKEHEKFKYGAVPFGA
GRHKCIGENFALLQVKSIISILLRYFDMEYIGKIPDPSYTSLVVGPSPPTRMRYKLRKQQHHHHHH
;
_entity_poly.pdbx_strand_id   A
#
loop_
_chem_comp.id
_chem_comp.type
_chem_comp.name
_chem_comp.formula
EDO non-polymer 1,2-ETHANEDIOL 'C2 H6 O2'
HEM non-polymer 'PROTOPORPHYRIN IX CONTAINING FE' 'C34 H32 Fe N4 O4'
TPF non-polymer 2-(2,4-DIFLUOROPHENYL)-1,3-DI(1H-1,2,4-TRIAZOL-1-YL)PROPAN-2-OL 'C13 H12 F2 N6 O'
#
# COMPACT_ATOMS: atom_id res chain seq x y z
N LYS A 10 -31.29 -12.40 -14.78
CA LYS A 10 -30.94 -13.46 -13.78
C LYS A 10 -29.87 -12.96 -12.82
N LEU A 11 -29.48 -13.83 -11.88
CA LEU A 11 -28.27 -13.61 -11.07
C LEU A 11 -27.03 -13.96 -11.89
N PRO A 12 -25.85 -13.56 -11.41
CA PRO A 12 -24.65 -13.91 -12.17
C PRO A 12 -24.45 -15.43 -12.26
N PRO A 13 -23.76 -15.89 -13.31
CA PRO A 13 -23.34 -17.29 -13.29
C PRO A 13 -22.55 -17.65 -12.03
N ARG A 14 -22.37 -18.95 -11.80
CA ARG A 14 -21.68 -19.38 -10.59
C ARG A 14 -20.52 -20.30 -10.93
N VAL A 15 -19.41 -20.12 -10.21
CA VAL A 15 -18.40 -21.14 -10.16
C VAL A 15 -19.07 -22.33 -9.54
N PRO A 16 -19.16 -23.44 -10.30
CA PRO A 16 -19.64 -24.65 -9.69
C PRO A 16 -18.63 -25.12 -8.65
N ASN A 17 -19.13 -25.56 -7.52
CA ASN A 17 -18.29 -25.73 -6.35
C ASN A 17 -17.71 -27.13 -6.26
N LEU A 18 -16.57 -27.24 -5.58
CA LEU A 18 -16.04 -28.53 -5.20
C LEU A 18 -16.98 -29.15 -4.16
N ILE A 19 -17.26 -28.40 -3.10
CA ILE A 19 -18.23 -28.78 -2.06
C ILE A 19 -19.18 -27.61 -1.76
N PRO A 20 -20.38 -27.91 -1.25
CA PRO A 20 -21.13 -26.89 -0.50
C PRO A 20 -20.33 -26.32 0.67
N TYR A 21 -20.69 -25.10 1.09
CA TYR A 21 -19.90 -24.31 2.05
C TYR A 21 -18.51 -23.95 1.53
N VAL A 22 -17.53 -24.84 1.72
CA VAL A 22 -16.15 -24.58 1.29
C VAL A 22 -16.12 -23.96 -0.11
N GLY A 23 -16.98 -24.46 -0.99
CA GLY A 23 -17.01 -24.00 -2.36
C GLY A 23 -15.63 -24.02 -2.99
N SER A 24 -15.24 -22.88 -3.55
CA SER A 24 -14.11 -22.85 -4.49
C SER A 24 -12.83 -22.33 -3.83
N PHE A 25 -12.84 -22.25 -2.50
CA PHE A 25 -11.65 -21.86 -1.74
C PHE A 25 -10.30 -22.32 -2.29
N VAL A 26 -10.24 -23.53 -2.87
CA VAL A 26 -8.95 -24.15 -3.22
C VAL A 26 -8.28 -23.47 -4.40
N SER A 27 -8.99 -23.37 -5.52
CA SER A 27 -8.40 -22.88 -6.77
C SER A 27 -8.26 -21.37 -6.69
N PHE A 28 -9.19 -20.73 -6.02
CA PHE A 28 -9.00 -19.36 -5.59
C PHE A 28 -7.68 -19.29 -4.79
N ALA A 29 -7.62 -19.94 -3.62
CA ALA A 29 -6.41 -19.88 -2.77
C ALA A 29 -5.11 -20.23 -3.50
N LYS A 30 -5.17 -21.19 -4.42
CA LYS A 30 -3.98 -21.53 -5.22
C LYS A 30 -3.39 -20.26 -5.83
N ASN A 31 -4.07 -19.72 -6.83
CA ASN A 31 -3.74 -18.39 -7.37
C ASN A 31 -4.99 -17.53 -7.51
N PRO A 32 -5.26 -16.71 -6.49
CA PRO A 32 -6.41 -15.80 -6.41
C PRO A 32 -6.74 -15.11 -7.71
N VAL A 33 -5.72 -14.71 -8.47
CA VAL A 33 -5.92 -13.90 -9.65
C VAL A 33 -6.25 -14.81 -10.83
N GLN A 34 -5.37 -15.78 -11.06
CA GLN A 34 -5.56 -16.74 -12.14
C GLN A 34 -7.00 -17.20 -12.07
N PHE A 35 -7.42 -17.60 -10.87
CA PHE A 35 -8.79 -18.00 -10.63
C PHE A 35 -9.77 -17.07 -11.33
N ILE A 36 -9.69 -15.80 -10.98
CA ILE A 36 -10.62 -14.81 -11.49
C ILE A 36 -10.53 -14.73 -13.01
N ILE A 37 -9.32 -14.89 -13.55
CA ILE A 37 -9.11 -14.78 -14.99
C ILE A 37 -9.71 -15.98 -15.71
N ASP A 38 -9.35 -17.19 -15.28
CA ASP A 38 -9.89 -18.39 -15.91
C ASP A 38 -11.39 -18.19 -16.04
N ASN A 39 -12.04 -17.96 -14.90
CA ASN A 39 -13.48 -17.99 -14.82
C ASN A 39 -14.17 -16.86 -15.57
N SER A 40 -13.44 -15.76 -15.74
CA SER A 40 -13.91 -14.66 -16.58
C SER A 40 -14.15 -15.17 -17.98
N LYS A 41 -13.14 -15.81 -18.56
CA LYS A 41 -13.27 -16.35 -19.89
C LYS A 41 -14.47 -17.29 -19.94
N LYS A 42 -14.63 -18.10 -18.91
CA LYS A 42 -15.75 -19.04 -18.86
C LYS A 42 -17.07 -18.27 -18.81
N TYR A 43 -17.35 -17.63 -17.67
CA TYR A 43 -18.71 -17.16 -17.36
C TYR A 43 -18.94 -15.67 -17.65
N GLY A 44 -17.90 -14.95 -18.05
CA GLY A 44 -18.06 -13.60 -18.59
C GLY A 44 -17.68 -12.50 -17.61
N ASP A 45 -18.25 -11.32 -17.82
CA ASP A 45 -17.84 -10.11 -17.10
C ASP A 45 -18.16 -10.16 -15.59
N VAL A 46 -19.16 -10.95 -15.23
CA VAL A 46 -19.54 -11.13 -13.83
C VAL A 46 -19.80 -12.61 -13.56
N PHE A 47 -19.57 -13.04 -12.32
CA PHE A 47 -19.83 -14.43 -11.92
C PHE A 47 -19.66 -14.61 -10.41
N THR A 48 -20.53 -15.41 -9.80
CA THR A 48 -20.48 -15.62 -8.37
C THR A 48 -19.71 -16.89 -8.02
N ALA A 49 -19.12 -16.92 -6.85
CA ALA A 49 -18.36 -18.09 -6.42
C ALA A 49 -18.44 -18.23 -4.91
N THR A 50 -18.90 -19.38 -4.43
CA THR A 50 -18.96 -19.58 -3.00
C THR A 50 -17.60 -19.96 -2.48
N ILE A 51 -17.07 -19.10 -1.64
CA ILE A 51 -15.74 -19.28 -1.09
C ILE A 51 -15.86 -19.18 0.42
N LEU A 52 -15.37 -20.21 1.12
CA LEU A 52 -15.68 -20.47 2.54
C LEU A 52 -16.95 -19.81 3.05
N GLY A 53 -18.07 -20.12 2.40
CA GLY A 53 -19.39 -19.68 2.85
C GLY A 53 -19.74 -18.23 2.55
N LYS A 54 -18.93 -17.57 1.73
CA LYS A 54 -19.23 -16.19 1.32
C LYS A 54 -19.62 -16.10 -0.15
N GLU A 55 -20.63 -15.28 -0.43
CA GLU A 55 -21.10 -15.10 -1.79
C GLU A 55 -20.37 -13.97 -2.45
N MET A 56 -19.29 -14.32 -3.14
CA MET A 56 -18.36 -13.37 -3.71
C MET A 56 -18.61 -13.30 -5.21
N THR A 57 -19.19 -12.19 -5.67
CA THR A 57 -19.36 -11.90 -7.09
C THR A 57 -18.20 -11.06 -7.60
N PHE A 58 -17.59 -11.46 -8.71
CA PHE A 58 -16.43 -10.76 -9.25
C PHE A 58 -16.79 -9.97 -10.50
N LEU A 59 -16.42 -8.70 -10.49
CA LEU A 59 -16.58 -7.80 -11.63
C LEU A 59 -15.24 -7.73 -12.37
N ASN A 60 -15.26 -8.03 -13.67
CA ASN A 60 -14.05 -8.51 -14.36
C ASN A 60 -13.71 -7.83 -15.69
N HIS A 61 -14.28 -6.66 -15.93
CA HIS A 61 -14.00 -5.91 -17.15
C HIS A 61 -14.18 -4.42 -16.88
N PRO A 62 -13.12 -3.62 -17.10
CA PRO A 62 -13.13 -2.20 -16.74
C PRO A 62 -14.46 -1.49 -17.02
N LYS A 63 -15.06 -1.74 -18.20
CA LYS A 63 -16.32 -1.11 -18.61
C LYS A 63 -17.33 -0.97 -17.47
N ILE A 64 -17.41 -1.97 -16.60
CA ILE A 64 -18.53 -2.11 -15.67
C ILE A 64 -18.21 -1.59 -14.26
N LEU A 65 -16.97 -1.15 -14.03
CA LEU A 65 -16.49 -0.81 -12.68
C LEU A 65 -16.89 0.60 -12.22
N ASP A 66 -17.69 1.28 -13.03
CA ASP A 66 -18.24 2.58 -12.68
C ASP A 66 -19.11 2.50 -11.42
N THR A 67 -20.07 1.61 -11.45
CA THR A 67 -21.06 1.50 -10.39
C THR A 67 -20.41 1.15 -9.04
N PHE A 68 -19.44 0.25 -9.08
CA PHE A 68 -18.75 -0.24 -7.88
C PHE A 68 -18.13 0.91 -7.10
N PHE A 69 -17.57 1.87 -7.82
CA PHE A 69 -16.69 2.84 -7.23
C PHE A 69 -17.42 4.10 -6.80
N LYS A 70 -18.54 4.38 -7.46
CA LYS A 70 -19.36 5.56 -7.16
C LYS A 70 -20.56 5.29 -6.24
N ALA A 71 -21.01 4.05 -6.15
CA ALA A 71 -21.94 3.69 -5.07
C ALA A 71 -21.46 4.16 -3.67
N THR A 72 -22.43 4.36 -2.77
CA THR A 72 -22.20 5.01 -1.49
C THR A 72 -22.10 3.94 -0.44
N ASP A 73 -21.63 4.28 0.75
CA ASP A 73 -21.27 3.25 1.74
C ASP A 73 -22.48 2.71 2.52
N ASN A 74 -23.66 3.21 2.17
CA ASN A 74 -24.90 2.55 2.53
C ASN A 74 -25.29 1.53 1.47
N GLU A 75 -25.00 1.84 0.21
CA GLU A 75 -25.04 0.82 -0.87
C GLU A 75 -23.92 -0.24 -0.70
N LEU A 76 -22.65 0.17 -0.83
CA LEU A 76 -21.51 -0.78 -0.87
C LEU A 76 -20.47 -0.62 0.29
N SER A 77 -20.59 -1.42 1.33
CA SER A 77 -19.85 -1.13 2.57
C SER A 77 -18.42 -1.63 2.55
N LEU A 78 -17.50 -0.76 2.92
CA LEU A 78 -16.15 -1.19 3.23
C LEU A 78 -16.17 -1.75 4.62
N ARG A 79 -16.54 -0.89 5.57
CA ARG A 79 -16.56 -1.23 6.99
C ARG A 79 -17.01 -2.66 7.27
N ASP A 80 -18.02 -3.11 6.51
CA ASP A 80 -18.50 -4.47 6.67
C ASP A 80 -17.40 -5.51 6.40
N VAL A 81 -16.49 -5.21 5.48
CA VAL A 81 -15.66 -6.24 4.87
C VAL A 81 -14.22 -6.24 5.39
N TYR A 82 -13.66 -5.08 5.70
CA TYR A 82 -12.33 -5.03 6.27
C TYR A 82 -12.40 -4.79 7.76
N ARG A 83 -13.54 -5.15 8.36
CA ARG A 83 -13.76 -4.85 9.76
C ARG A 83 -12.82 -5.72 10.57
N PHE A 84 -12.65 -6.95 10.10
CA PHE A 84 -11.72 -7.89 10.67
C PHE A 84 -10.34 -7.30 11.00
N MET A 85 -10.02 -6.13 10.46
CA MET A 85 -8.71 -5.55 10.73
C MET A 85 -8.63 -5.05 12.16
N ARG A 86 -9.80 -4.94 12.80
CA ARG A 86 -9.86 -4.35 14.12
C ARG A 86 -8.63 -4.66 14.98
N PRO A 87 -8.35 -5.95 15.29
CA PRO A 87 -7.39 -6.18 16.34
C PRO A 87 -6.05 -5.50 16.06
N VAL A 88 -5.75 -5.30 14.77
CA VAL A 88 -4.61 -4.52 14.31
C VAL A 88 -4.78 -3.05 14.66
N PHE A 89 -5.66 -2.39 13.94
CA PHE A 89 -5.80 -0.94 14.00
C PHE A 89 -6.25 -0.55 15.39
N GLY A 90 -7.41 -1.08 15.79
CA GLY A 90 -8.02 -0.79 17.09
C GLY A 90 -9.54 -0.77 17.03
N THR A 91 -10.18 -0.58 18.17
CA THR A 91 -11.64 -0.55 18.23
C THR A 91 -12.18 0.85 17.89
N GLY A 92 -13.27 0.86 17.11
CA GLY A 92 -13.88 2.11 16.69
C GLY A 92 -12.97 2.94 15.80
N VAL A 93 -12.15 2.27 15.00
CA VAL A 93 -11.18 2.97 14.14
C VAL A 93 -11.29 2.53 12.68
N VAL A 94 -11.28 3.52 11.80
CA VAL A 94 -11.34 3.35 10.35
C VAL A 94 -12.53 2.49 9.93
N TYR A 95 -12.31 1.19 9.73
CA TYR A 95 -13.34 0.28 9.23
C TYR A 95 -14.18 -0.19 10.40
N ASP A 96 -13.59 -0.13 11.59
CA ASP A 96 -14.32 -0.41 12.82
C ASP A 96 -14.77 0.88 13.48
N ALA A 97 -14.76 1.99 12.74
CA ALA A 97 -15.20 3.25 13.29
C ALA A 97 -16.72 3.28 13.34
N ASP A 98 -17.24 4.16 14.17
CA ASP A 98 -18.67 4.27 14.43
C ASP A 98 -19.51 4.46 13.16
N SER A 99 -18.95 5.12 12.15
CA SER A 99 -19.70 5.37 10.94
C SER A 99 -18.84 5.59 9.69
N THR A 100 -19.50 5.49 8.53
CA THR A 100 -18.94 5.91 7.25
C THR A 100 -18.19 7.23 7.38
N GLU A 101 -18.81 8.17 8.07
CA GLU A 101 -18.33 9.53 8.09
C GLU A 101 -17.23 9.73 9.12
N ARG A 102 -17.23 8.92 10.18
CA ARG A 102 -16.19 9.02 11.20
C ARG A 102 -14.90 8.42 10.70
N MET A 103 -15.03 7.44 9.81
CA MET A 103 -13.88 6.88 9.13
C MET A 103 -13.21 7.97 8.28
N MET A 104 -13.95 8.51 7.32
CA MET A 104 -13.48 9.61 6.49
C MET A 104 -12.73 10.63 7.32
N GLU A 105 -13.37 11.12 8.37
CA GLU A 105 -12.78 12.14 9.23
C GLU A 105 -11.43 11.72 9.83
N GLN A 106 -11.26 10.42 10.03
CA GLN A 106 -10.01 9.90 10.53
C GLN A 106 -8.99 9.87 9.39
N VAL A 107 -9.34 9.17 8.31
CA VAL A 107 -8.57 9.20 7.07
C VAL A 107 -7.90 10.57 6.88
N LYS A 108 -8.72 11.62 6.81
CA LYS A 108 -8.20 12.96 6.56
C LYS A 108 -7.17 13.40 7.59
N PHE A 109 -7.15 12.82 8.79
CA PHE A 109 -6.21 13.29 9.83
C PHE A 109 -4.79 12.91 9.47
N VAL A 110 -4.67 11.71 8.93
CA VAL A 110 -3.43 11.24 8.38
C VAL A 110 -3.08 12.04 7.15
N SER A 111 -4.03 12.15 6.24
CA SER A 111 -3.76 12.79 4.96
C SER A 111 -3.34 14.24 5.15
N SER A 112 -3.46 14.77 6.36
CA SER A 112 -3.03 16.13 6.64
C SER A 112 -1.56 16.17 7.02
N GLY A 113 -1.00 14.98 7.25
CA GLY A 113 0.42 14.87 7.57
C GLY A 113 1.24 14.76 6.31
N LEU A 114 0.54 14.82 5.17
CA LEU A 114 1.10 14.57 3.85
C LEU A 114 0.80 15.77 2.96
N THR A 115 1.41 16.89 3.32
CA THR A 115 1.27 18.13 2.58
C THR A 115 2.57 18.45 1.89
N THR A 116 2.48 19.25 0.83
CA THR A 116 3.63 19.74 0.08
C THR A 116 4.75 20.23 1.03
N ALA A 117 4.38 20.93 2.09
CA ALA A 117 5.33 21.41 3.08
C ALA A 117 6.14 20.27 3.68
N ARG A 118 5.43 19.20 4.03
CA ARG A 118 6.08 18.10 4.69
C ARG A 118 6.91 17.28 3.70
N PHE A 119 6.35 17.04 2.52
CA PHE A 119 7.05 16.30 1.46
C PHE A 119 8.49 16.77 1.29
N ARG A 120 8.70 18.08 1.32
CA ARG A 120 10.05 18.63 1.25
C ARG A 120 10.93 18.10 2.36
N VAL A 121 10.36 17.84 3.53
CA VAL A 121 11.15 17.38 4.68
C VAL A 121 11.37 15.89 4.59
N PHE A 122 10.48 15.21 3.89
CA PHE A 122 10.53 13.75 3.79
C PHE A 122 11.75 13.37 2.99
N VAL A 123 11.97 14.08 1.89
CA VAL A 123 13.08 13.85 0.99
C VAL A 123 14.39 13.97 1.74
N ASP A 124 14.51 14.93 2.64
CA ASP A 124 15.66 14.99 3.57
C ASP A 124 15.72 13.77 4.47
N ILE A 125 14.58 13.31 4.96
CA ILE A 125 14.56 12.12 5.81
C ILE A 125 15.03 10.91 5.00
N PHE A 126 14.52 10.78 3.77
CA PHE A 126 14.90 9.67 2.92
C PHE A 126 16.41 9.57 2.83
N GLU A 127 17.06 10.67 2.49
CA GLU A 127 18.51 10.71 2.53
C GLU A 127 18.99 10.26 3.92
N ASP A 128 18.73 11.05 4.95
CA ASP A 128 19.29 10.77 6.28
C ASP A 128 19.33 9.28 6.60
N GLU A 129 18.31 8.55 6.18
CA GLU A 129 18.20 7.14 6.55
C GLU A 129 18.98 6.24 5.59
N ILE A 130 18.87 6.48 4.30
CA ILE A 130 19.61 5.67 3.34
C ILE A 130 21.11 5.82 3.58
N ALA A 131 21.54 7.00 4.01
CA ALA A 131 22.88 7.18 4.55
C ALA A 131 23.15 6.21 5.69
N HIS A 132 22.47 6.38 6.83
CA HIS A 132 22.62 5.44 7.95
C HIS A 132 22.68 4.00 7.43
N LYS A 133 21.90 3.73 6.37
CA LYS A 133 21.78 2.38 5.86
C LYS A 133 22.99 1.89 5.10
N VAL A 134 23.61 2.75 4.28
CA VAL A 134 24.75 2.29 3.48
C VAL A 134 25.87 1.83 4.39
N LYS A 135 26.15 2.60 5.45
CA LYS A 135 27.05 2.16 6.50
C LYS A 135 26.90 0.66 6.72
N GLU A 136 25.69 0.25 7.11
CA GLU A 136 25.46 -1.13 7.56
C GLU A 136 25.88 -2.15 6.50
N LEU A 137 25.79 -1.75 5.23
CA LEU A 137 26.08 -2.64 4.13
C LEU A 137 27.58 -2.83 3.96
N GLY A 138 28.28 -1.73 3.68
CA GLY A 138 29.66 -1.79 3.24
C GLY A 138 29.70 -1.62 1.73
N PRO A 139 30.91 -1.48 1.17
CA PRO A 139 31.12 -1.02 -0.22
C PRO A 139 30.44 -1.92 -1.24
N GLU A 140 30.38 -3.20 -0.92
CA GLU A 140 29.65 -4.15 -1.73
C GLU A 140 29.27 -5.41 -0.95
N GLY A 141 28.35 -6.16 -1.56
CA GLY A 141 27.88 -7.42 -0.99
C GLY A 141 26.63 -7.86 -1.70
N THR A 142 25.73 -8.50 -0.97
CA THR A 142 24.43 -8.87 -1.47
C THR A 142 23.37 -8.65 -0.37
N VAL A 143 22.10 -8.63 -0.77
CA VAL A 143 21.01 -8.42 0.18
C VAL A 143 19.64 -8.70 -0.43
N ASP A 144 18.72 -9.16 0.41
CA ASP A 144 17.34 -9.30 -0.04
C ASP A 144 16.75 -7.90 -0.18
N VAL A 145 16.48 -7.55 -1.42
CA VAL A 145 15.82 -6.29 -1.76
C VAL A 145 14.63 -6.02 -0.85
N ALA A 146 13.72 -7.00 -0.83
CA ALA A 146 12.58 -6.98 0.06
C ALA A 146 13.06 -6.48 1.42
N GLU A 147 13.64 -7.37 2.19
CA GLU A 147 14.12 -7.02 3.53
C GLU A 147 14.62 -5.58 3.67
N LEU A 148 15.28 -5.07 2.63
CA LEU A 148 15.80 -3.70 2.63
C LEU A 148 14.72 -2.62 2.45
N MET A 149 13.86 -2.75 1.45
CA MET A 149 12.79 -1.77 1.28
C MET A 149 11.96 -1.62 2.57
N ALA A 150 11.38 -2.70 3.02
CA ALA A 150 10.74 -2.76 4.32
C ALA A 150 11.62 -2.21 5.45
N ASP A 151 12.91 -2.48 5.44
CA ASP A 151 13.75 -1.97 6.52
C ASP A 151 14.02 -0.49 6.39
N LEU A 152 14.33 -0.04 5.20
CA LEU A 152 14.32 1.41 4.95
C LEU A 152 12.95 1.98 5.33
N ILE A 153 11.88 1.41 4.78
CA ILE A 153 10.56 1.98 4.98
C ILE A 153 10.00 1.84 6.39
N ILE A 154 10.36 0.79 7.11
CA ILE A 154 10.03 0.71 8.52
C ILE A 154 10.63 1.88 9.29
N PHE A 155 11.65 2.54 8.73
CA PHE A 155 12.27 3.70 9.39
C PHE A 155 11.77 5.02 8.83
N THR A 156 11.77 5.18 7.52
CA THR A 156 11.40 6.48 6.94
C THR A 156 9.98 6.88 7.34
N ALA A 157 9.00 6.07 6.94
CA ALA A 157 7.59 6.35 7.30
C ALA A 157 7.42 6.76 8.77
N SER A 158 7.91 5.93 9.67
CA SER A 158 7.86 6.23 11.12
C SER A 158 8.15 7.70 11.36
N ARG A 159 9.30 8.14 10.87
CA ARG A 159 9.69 9.53 11.04
C ARG A 159 8.79 10.45 10.22
N CYS A 160 8.43 10.05 8.99
CA CYS A 160 7.61 10.92 8.14
C CYS A 160 6.28 11.31 8.78
N LEU A 161 5.62 10.33 9.41
CA LEU A 161 4.29 10.53 9.98
C LEU A 161 4.31 10.86 11.45
N LEU A 162 5.17 10.18 12.20
CA LEU A 162 5.25 10.39 13.62
C LEU A 162 6.25 11.49 13.99
N GLY A 163 7.33 11.62 13.21
CA GLY A 163 8.40 12.58 13.53
C GLY A 163 9.61 11.95 14.17
N ASP A 164 10.75 12.61 14.05
CA ASP A 164 12.04 12.05 14.47
C ASP A 164 12.06 11.59 15.93
N GLU A 165 11.15 12.14 16.73
CA GLU A 165 10.96 11.69 18.12
C GLU A 165 10.99 10.16 18.25
N VAL A 166 10.40 9.49 17.26
CA VAL A 166 10.25 8.03 17.26
C VAL A 166 11.57 7.25 17.13
N ARG A 167 12.53 7.84 16.42
CA ARG A 167 13.68 7.06 15.98
C ARG A 167 14.41 6.40 17.14
N GLN A 168 14.48 7.07 18.29
CA GLN A 168 15.14 6.49 19.48
C GLN A 168 14.51 5.15 19.91
N TYR A 169 13.23 4.97 19.59
CA TYR A 169 12.55 3.70 19.85
C TYR A 169 12.83 2.68 18.74
N LEU A 170 12.58 3.07 17.49
CA LEU A 170 12.95 2.24 16.33
C LEU A 170 14.34 1.65 16.52
N SER A 171 15.22 2.43 17.14
CA SER A 171 16.56 1.98 17.46
C SER A 171 16.57 1.19 18.76
N GLU A 172 16.68 1.89 19.90
CA GLU A 172 16.85 1.25 21.22
C GLU A 172 15.80 0.17 21.51
N LYS A 173 14.54 0.45 21.17
CA LYS A 173 13.41 -0.30 21.71
C LYS A 173 12.73 -1.28 20.71
N ASN A 174 13.40 -1.62 19.60
CA ASN A 174 13.08 -2.85 18.84
C ASN A 174 11.80 -2.75 18.00
N LEU A 175 11.27 -1.53 17.88
CA LEU A 175 9.91 -1.29 17.41
C LEU A 175 9.60 -1.98 16.07
N GLY A 176 10.61 -2.09 15.21
CA GLY A 176 10.45 -2.81 13.96
C GLY A 176 9.95 -4.23 14.20
N LYS A 177 10.63 -4.95 15.08
CA LYS A 177 10.30 -6.36 15.33
C LYS A 177 8.85 -6.51 15.78
N LEU A 178 8.48 -5.75 16.81
CA LEU A 178 7.08 -5.67 17.25
C LEU A 178 6.10 -5.39 16.10
N TYR A 179 6.49 -4.55 15.15
CA TYR A 179 5.65 -4.33 13.96
C TYR A 179 5.42 -5.63 13.21
N HIS A 180 6.46 -6.43 13.09
CA HIS A 180 6.35 -7.69 12.36
C HIS A 180 5.41 -8.65 13.07
N ASP A 181 5.49 -8.69 14.40
CA ASP A 181 4.63 -9.55 15.19
C ASP A 181 3.16 -9.19 14.98
N ILE A 182 2.88 -7.90 15.00
CA ILE A 182 1.62 -7.38 14.48
C ILE A 182 1.44 -7.85 13.02
N ASP A 183 2.37 -7.45 12.15
CA ASP A 183 2.18 -7.63 10.71
C ASP A 183 2.36 -9.06 10.18
N ASP A 184 2.74 -9.99 11.07
CA ASP A 184 2.73 -11.43 10.76
C ASP A 184 1.72 -12.15 11.67
N GLY A 185 0.59 -11.48 11.90
CA GLY A 185 -0.53 -12.12 12.57
C GLY A 185 -1.85 -11.71 11.96
N ILE A 186 -1.85 -11.53 10.63
CA ILE A 186 -2.99 -10.94 9.92
C ILE A 186 -3.25 -11.68 8.61
N SER A 187 -3.35 -13.01 8.68
CA SER A 187 -3.59 -13.79 7.46
C SER A 187 -4.74 -13.17 6.63
N PRO A 188 -4.78 -13.46 5.31
CA PRO A 188 -5.98 -13.08 4.53
C PRO A 188 -7.15 -14.03 4.82
N LEU A 189 -6.84 -15.10 5.55
CA LEU A 189 -7.84 -16.05 6.07
C LEU A 189 -8.76 -15.36 7.09
N SER A 190 -8.15 -14.66 8.04
CA SER A 190 -8.82 -13.72 8.96
C SER A 190 -10.07 -13.06 8.37
N PHE A 191 -10.09 -12.91 7.05
CA PHE A 191 -11.24 -12.34 6.37
C PHE A 191 -12.44 -13.25 6.52
N PHE A 192 -12.18 -14.55 6.41
CA PHE A 192 -13.22 -15.54 6.48
C PHE A 192 -13.40 -16.00 7.93
N TYR A 193 -12.44 -15.69 8.79
CA TYR A 193 -12.50 -16.10 10.18
C TYR A 193 -11.88 -15.05 11.10
N PRO A 194 -12.63 -13.96 11.35
CA PRO A 194 -12.13 -12.80 12.08
C PRO A 194 -11.65 -13.10 13.50
N SER A 195 -11.92 -14.29 14.01
CA SER A 195 -11.69 -14.55 15.43
C SER A 195 -10.61 -15.61 15.62
N LEU A 196 -9.88 -15.89 14.55
CA LEU A 196 -8.72 -16.79 14.61
C LEU A 196 -7.70 -16.29 15.63
N PRO A 197 -7.45 -17.08 16.68
CA PRO A 197 -6.66 -16.60 17.82
C PRO A 197 -5.22 -16.25 17.45
N ALA A 198 -4.73 -15.13 17.96
CA ALA A 198 -3.43 -14.59 17.53
C ALA A 198 -2.76 -13.84 18.68
N PRO A 199 -2.42 -14.55 19.76
CA PRO A 199 -1.90 -13.98 21.01
C PRO A 199 -0.66 -13.08 20.87
N LYS A 200 0.35 -13.57 20.17
CA LYS A 200 1.65 -12.89 20.04
C LYS A 200 1.52 -11.54 19.34
N ARG A 201 0.62 -11.45 18.36
CA ARG A 201 0.27 -10.17 17.76
C ARG A 201 -0.25 -9.24 18.83
N ASP A 202 -1.29 -9.70 19.51
CA ASP A 202 -2.05 -8.90 20.46
C ASP A 202 -1.19 -8.38 21.60
N LYS A 203 -0.14 -9.12 21.93
CA LYS A 203 0.90 -8.66 22.86
C LYS A 203 1.70 -7.52 22.22
N ALA A 204 2.08 -7.70 20.96
CA ALA A 204 2.83 -6.69 20.23
C ALA A 204 1.98 -5.42 20.10
N ARG A 205 0.80 -5.54 19.52
CA ARG A 205 -0.11 -4.42 19.36
C ARG A 205 -0.35 -3.67 20.69
N LYS A 206 -0.33 -4.39 21.79
CA LYS A 206 -0.41 -3.75 23.10
C LYS A 206 0.88 -2.99 23.38
N ALA A 207 2.02 -3.67 23.27
CA ALA A 207 3.32 -3.05 23.54
C ALA A 207 3.47 -1.78 22.71
N VAL A 208 3.18 -1.89 21.41
CA VAL A 208 3.09 -0.72 20.54
C VAL A 208 2.15 0.30 21.15
N GLY A 209 0.93 -0.13 21.43
CA GLY A 209 -0.09 0.73 22.01
C GLY A 209 0.51 1.66 23.03
N GLU A 210 1.22 1.09 24.01
CA GLU A 210 1.81 1.85 25.10
C GLU A 210 2.75 2.91 24.55
N ILE A 211 3.66 2.48 23.69
CA ILE A 211 4.69 3.35 23.15
C ILE A 211 4.08 4.53 22.43
N PHE A 212 3.17 4.24 21.50
CA PHE A 212 2.43 5.27 20.80
C PHE A 212 1.76 6.22 21.77
N GLN A 213 1.14 5.65 22.80
CA GLN A 213 0.67 6.46 23.90
C GLN A 213 1.82 7.34 24.33
N GLU A 214 2.77 6.75 25.07
CA GLU A 214 3.94 7.46 25.50
C GLU A 214 4.18 8.62 24.58
N LEU A 215 4.68 8.29 23.39
CA LEU A 215 4.94 9.26 22.36
C LEU A 215 4.05 10.51 22.48
N LEU A 216 2.74 10.32 22.47
CA LEU A 216 1.81 11.44 22.64
C LEU A 216 2.13 12.19 23.92
N ASP A 217 2.28 11.44 25.01
CA ASP A 217 2.55 12.00 26.34
C ASP A 217 3.83 12.85 26.37
N LYS A 218 4.87 12.42 25.66
CA LYS A 218 6.03 13.29 25.44
C LYS A 218 5.63 14.49 24.58
N ARG A 219 4.97 14.22 23.45
CA ARG A 219 4.68 15.24 22.45
C ARG A 219 3.81 16.37 22.98
N ARG A 220 3.02 16.06 24.01
CA ARG A 220 2.19 17.08 24.62
C ARG A 220 3.07 18.10 25.34
N GLU A 221 4.06 17.63 26.09
CA GLU A 221 4.92 18.53 26.85
C GLU A 221 5.76 19.39 25.91
N GLU A 222 6.07 18.84 24.74
CA GLU A 222 6.83 19.56 23.72
C GLU A 222 5.98 20.68 23.10
N HIS A 223 4.67 20.53 23.10
CA HIS A 223 3.80 21.63 22.68
C HIS A 223 3.73 22.73 23.73
N LYS A 224 3.66 22.35 25.00
CA LYS A 224 3.74 23.34 26.08
C LYS A 224 5.09 24.05 26.08
N LYS A 225 6.17 23.29 25.95
CA LYS A 225 7.52 23.88 25.94
C LYS A 225 7.91 24.49 24.58
N HIS A 226 7.22 24.11 23.51
CA HIS A 226 7.51 24.65 22.16
C HIS A 226 6.26 24.81 21.29
N PRO A 227 5.41 25.80 21.62
CA PRO A 227 4.16 26.08 20.90
C PRO A 227 4.34 26.52 19.44
N GLU A 228 5.42 27.24 19.16
CA GLU A 228 5.70 27.74 17.81
C GLU A 228 5.68 26.65 16.72
N ARG A 229 5.96 25.41 17.12
CA ARG A 229 5.87 24.27 16.20
C ARG A 229 4.55 24.26 15.43
N LEU A 230 3.46 24.60 16.11
CA LEU A 230 2.11 24.45 15.58
C LEU A 230 1.83 25.30 14.35
N LEU A 231 2.49 26.45 14.25
CA LEU A 231 2.24 27.39 13.15
C LEU A 231 3.02 27.01 11.89
N ASP A 232 4.15 26.33 12.10
CA ASP A 232 5.07 25.93 11.03
C ASP A 232 4.60 24.63 10.36
N GLU A 233 4.17 24.74 9.11
CA GLU A 233 3.56 23.62 8.39
C GLU A 233 4.50 22.42 8.23
N SER A 234 5.81 22.67 8.24
CA SER A 234 6.79 21.62 7.95
C SER A 234 7.25 20.78 9.15
N LYS A 235 6.71 21.04 10.35
CA LYS A 235 6.88 20.11 11.45
C LYS A 235 5.53 19.58 11.93
N MET A 236 4.46 20.00 11.27
CA MET A 236 3.18 19.51 11.66
C MET A 236 3.00 18.13 11.10
N ASP A 237 3.56 17.16 11.82
CA ASP A 237 3.35 15.76 11.47
C ASP A 237 1.95 15.28 11.85
N VAL A 238 1.64 14.03 11.52
CA VAL A 238 0.34 13.48 11.79
C VAL A 238 0.03 13.55 13.27
N VAL A 239 0.94 13.06 14.10
CA VAL A 239 0.77 13.06 15.55
C VAL A 239 0.19 14.38 16.02
N ASP A 240 0.74 15.49 15.55
CA ASP A 240 0.26 16.81 15.95
C ASP A 240 -1.16 16.99 15.46
N HIS A 241 -1.36 16.89 14.16
CA HIS A 241 -2.69 17.02 13.59
C HIS A 241 -3.69 16.33 14.49
N LEU A 242 -3.36 15.13 14.93
CA LEU A 242 -4.19 14.42 15.89
C LEU A 242 -4.29 15.20 17.20
N LEU A 243 -3.17 15.31 17.93
CA LEU A 243 -3.12 16.06 19.21
C LEU A 243 -3.81 17.45 19.25
N THR A 244 -4.32 17.92 18.12
CA THR A 244 -4.84 19.29 18.01
C THR A 244 -6.01 19.39 17.02
N GLN A 245 -6.84 18.35 16.99
CA GLN A 245 -8.02 18.35 16.13
C GLN A 245 -9.20 17.73 16.83
N LYS A 246 -10.39 18.05 16.31
CA LYS A 246 -11.68 17.72 16.93
C LYS A 246 -12.71 17.38 15.84
N TYR A 247 -13.23 16.15 15.83
CA TYR A 247 -14.09 15.73 14.73
C TYR A 247 -14.94 16.94 14.32
N LYS A 248 -15.64 16.88 13.19
CA LYS A 248 -16.39 18.04 12.67
C LYS A 248 -17.57 18.48 13.55
N ASP A 249 -18.03 17.60 14.43
CA ASP A 249 -19.14 17.90 15.31
C ASP A 249 -18.69 18.32 16.72
N GLY A 250 -17.39 18.45 16.94
CA GLY A 250 -16.86 18.95 18.21
C GLY A 250 -16.46 17.84 19.17
N GLN A 251 -16.85 16.61 18.84
CA GLN A 251 -16.49 15.47 19.67
C GLN A 251 -14.97 15.33 19.69
N GLU A 252 -14.40 15.14 20.88
CA GLU A 252 -12.95 15.01 21.02
C GLU A 252 -12.49 13.66 20.48
N LEU A 253 -11.21 13.54 20.16
CA LEU A 253 -10.59 12.26 19.86
C LEU A 253 -10.04 11.62 21.12
N THR A 254 -10.08 10.29 21.18
CA THR A 254 -9.54 9.56 22.32
C THR A 254 -8.14 9.02 21.99
N ASP A 255 -7.24 9.02 22.97
CA ASP A 255 -5.89 8.49 22.75
C ASP A 255 -5.87 7.13 22.09
N VAL A 256 -6.90 6.32 22.37
CA VAL A 256 -7.07 5.03 21.71
C VAL A 256 -7.50 5.18 20.25
N HIS A 257 -8.23 6.24 19.92
CA HIS A 257 -8.44 6.61 18.51
C HIS A 257 -7.14 7.15 17.89
N ARG A 258 -6.37 7.89 18.69
CA ARG A 258 -5.08 8.39 18.22
C ARG A 258 -4.13 7.23 17.96
N ILE A 259 -3.78 6.51 19.03
CA ILE A 259 -2.83 5.41 18.95
C ILE A 259 -3.20 4.43 17.83
N GLY A 260 -4.48 4.34 17.52
CA GLY A 260 -4.95 3.37 16.56
C GLY A 260 -4.92 3.92 15.15
N ILE A 261 -5.01 5.24 15.03
CA ILE A 261 -4.98 5.87 13.70
C ILE A 261 -3.53 6.07 13.21
N LEU A 262 -2.60 6.24 14.15
CA LEU A 262 -1.18 6.19 13.82
C LEU A 262 -0.82 4.84 13.18
N ILE A 263 -1.38 3.77 13.70
CA ILE A 263 -1.10 2.44 13.19
C ILE A 263 -1.89 2.18 11.92
N ALA A 264 -3.14 2.62 11.88
CA ALA A 264 -3.89 2.53 10.65
C ALA A 264 -3.02 3.05 9.50
N GLY A 265 -2.38 4.19 9.72
CA GLY A 265 -1.50 4.81 8.72
C GLY A 265 -0.24 4.02 8.48
N LEU A 266 0.70 4.08 9.43
CA LEU A 266 1.86 3.20 9.42
C LEU A 266 1.65 1.84 8.72
N PHE A 267 0.49 1.22 8.88
CA PHE A 267 0.18 0.02 8.10
C PHE A 267 0.13 0.41 6.62
N ALA A 268 -0.68 1.40 6.31
CA ALA A 268 -0.91 1.84 4.94
C ALA A 268 0.42 2.22 4.34
N GLY A 269 1.24 2.86 5.17
CA GLY A 269 2.50 3.43 4.73
C GLY A 269 3.49 2.40 4.25
N GLN A 270 3.75 1.40 5.09
CA GLN A 270 4.95 0.59 4.97
C GLN A 270 4.90 -0.46 3.84
N HIS A 271 3.88 -1.30 3.85
CA HIS A 271 3.93 -2.55 3.13
C HIS A 271 3.77 -2.25 1.64
N THR A 272 2.59 -1.76 1.23
CA THR A 272 2.33 -1.53 -0.18
C THR A 272 3.52 -0.88 -0.86
N SER A 273 4.07 0.15 -0.22
CA SER A 273 5.22 0.86 -0.77
C SER A 273 6.44 -0.04 -0.85
N SER A 274 6.93 -0.53 0.29
CA SER A 274 8.19 -1.26 0.25
C SER A 274 8.10 -2.39 -0.79
N ILE A 275 6.93 -2.97 -0.96
CA ILE A 275 6.72 -3.95 -2.05
C ILE A 275 6.85 -3.36 -3.46
N THR A 276 6.43 -2.12 -3.66
CA THR A 276 6.62 -1.52 -4.96
C THR A 276 8.05 -1.07 -5.14
N SER A 277 8.67 -0.71 -4.03
CA SER A 277 10.11 -0.46 -4.04
C SER A 277 10.82 -1.70 -4.54
N SER A 278 10.44 -2.87 -4.04
CA SER A 278 11.08 -4.08 -4.51
C SER A 278 10.72 -4.38 -5.97
N TRP A 279 9.44 -4.47 -6.31
CA TRP A 279 9.09 -4.87 -7.66
C TRP A 279 9.73 -3.91 -8.66
N THR A 280 9.73 -2.61 -8.38
CA THR A 280 10.24 -1.66 -9.38
C THR A 280 11.77 -1.85 -9.59
N LEU A 281 12.60 -1.46 -8.63
CA LEU A 281 14.05 -1.74 -8.66
C LEU A 281 14.39 -3.02 -9.41
N MET A 282 13.78 -4.10 -8.96
CA MET A 282 14.01 -5.41 -9.53
C MET A 282 13.89 -5.43 -11.05
N ASN A 283 12.93 -4.68 -11.61
CA ASN A 283 12.70 -4.70 -13.06
C ASN A 283 13.61 -3.71 -13.77
N VAL A 284 14.07 -2.73 -13.01
CA VAL A 284 14.98 -1.72 -13.51
C VAL A 284 16.38 -2.32 -13.61
N ILE A 285 16.97 -2.74 -12.49
CA ILE A 285 18.29 -3.38 -12.56
C ILE A 285 18.26 -4.75 -13.24
N SER A 286 17.21 -5.05 -13.99
CA SER A 286 17.19 -6.27 -14.81
C SER A 286 16.58 -6.00 -16.18
N ASN A 287 16.54 -4.75 -16.60
CA ASN A 287 16.32 -4.41 -18.00
C ASN A 287 17.24 -3.25 -18.32
N LYS A 288 18.33 -3.54 -19.03
CA LYS A 288 19.41 -2.57 -19.28
C LYS A 288 18.97 -1.34 -20.10
N LYS A 289 18.00 -1.49 -21.01
CA LYS A 289 17.44 -0.36 -21.74
C LYS A 289 16.75 0.61 -20.77
N VAL A 290 16.25 0.06 -19.67
CA VAL A 290 15.58 0.85 -18.64
C VAL A 290 16.63 1.44 -17.71
N LEU A 291 17.37 0.60 -16.99
CA LEU A 291 18.40 1.09 -16.05
C LEU A 291 19.20 2.19 -16.70
N GLU A 292 19.31 2.15 -18.03
CA GLU A 292 19.84 3.27 -18.80
C GLU A 292 18.98 4.49 -18.58
N LYS A 293 17.86 4.58 -19.32
CA LYS A 293 17.00 5.77 -19.35
C LYS A 293 16.78 6.39 -17.98
N VAL A 294 16.76 5.55 -16.97
CA VAL A 294 16.57 6.02 -15.61
C VAL A 294 17.79 6.84 -15.22
N ARG A 295 18.97 6.25 -15.32
CA ARG A 295 20.20 6.95 -14.95
C ARG A 295 20.48 8.19 -15.81
N LYS A 296 19.94 8.24 -17.03
CA LYS A 296 20.01 9.47 -17.84
C LYS A 296 19.23 10.57 -17.17
N GLU A 297 17.95 10.28 -16.95
CA GLU A 297 17.04 11.15 -16.21
C GLU A 297 17.63 11.55 -14.86
N GLN A 298 18.03 10.57 -14.07
CA GLN A 298 18.75 10.82 -12.80
C GLN A 298 19.85 11.87 -12.96
N GLU A 299 20.74 11.64 -13.92
CA GLU A 299 21.93 12.48 -14.12
C GLU A 299 21.63 13.83 -14.78
N GLU A 300 20.72 13.87 -15.75
CA GLU A 300 20.19 15.15 -16.25
C GLU A 300 19.81 16.02 -15.07
N ILE A 301 19.02 15.43 -14.18
CA ILE A 301 18.33 16.14 -13.14
C ILE A 301 19.28 16.44 -11.97
N MET A 302 19.84 15.43 -11.31
CA MET A 302 20.74 15.68 -10.18
C MET A 302 21.83 16.73 -10.47
N GLY A 303 22.30 16.76 -11.73
CA GLY A 303 23.33 17.72 -12.19
C GLY A 303 24.54 17.88 -11.27
N SER A 304 24.91 19.13 -11.02
CA SER A 304 25.98 19.45 -10.07
C SER A 304 25.59 19.21 -8.60
N ASP A 305 24.32 18.85 -8.34
CA ASP A 305 23.82 18.65 -6.97
C ASP A 305 24.26 17.28 -6.44
N LYS A 306 24.65 17.25 -5.17
CA LYS A 306 25.02 15.99 -4.53
C LYS A 306 23.89 15.34 -3.68
N VAL A 307 22.76 16.02 -3.49
CA VAL A 307 21.58 15.42 -2.81
C VAL A 307 20.20 15.85 -3.36
N LEU A 308 19.18 15.09 -2.96
CA LEU A 308 17.85 15.17 -3.56
C LEU A 308 17.00 16.31 -2.97
N ASP A 309 15.98 16.73 -3.71
CA ASP A 309 15.01 17.68 -3.20
C ASP A 309 13.65 17.45 -3.83
N TYR A 310 12.59 17.90 -3.18
CA TYR A 310 11.24 17.61 -3.63
C TYR A 310 11.00 18.03 -5.09
N ASP A 311 11.68 19.07 -5.57
CA ASP A 311 11.51 19.52 -6.94
C ASP A 311 12.17 18.55 -7.91
N LYS A 312 13.41 18.17 -7.61
CA LYS A 312 14.08 17.13 -8.39
C LYS A 312 13.10 15.98 -8.57
N VAL A 313 12.65 15.44 -7.45
CA VAL A 313 11.88 14.21 -7.46
C VAL A 313 10.58 14.36 -8.25
N MET A 314 10.00 15.55 -8.23
CA MET A 314 8.83 15.82 -9.05
C MET A 314 9.16 15.52 -10.51
N LYS A 315 10.38 15.87 -10.91
CA LYS A 315 10.75 15.78 -12.31
C LYS A 315 11.13 14.36 -12.75
N MET A 316 11.20 13.41 -11.82
CA MET A 316 11.60 12.03 -12.15
C MET A 316 10.53 11.26 -12.92
N ASP A 317 10.04 11.84 -14.02
CA ASP A 317 8.96 11.25 -14.82
C ASP A 317 9.18 9.80 -15.26
N TYR A 318 10.23 9.51 -16.02
CA TYR A 318 10.47 8.12 -16.43
C TYR A 318 10.37 7.12 -15.26
N LEU A 319 11.12 7.38 -14.19
CA LEU A 319 11.17 6.47 -13.06
C LEU A 319 9.79 6.17 -12.51
N GLU A 320 8.91 7.17 -12.51
CA GLU A 320 7.52 7.02 -12.10
C GLU A 320 6.79 6.02 -12.99
N ALA A 321 7.02 6.11 -14.30
CA ALA A 321 6.48 5.12 -15.23
C ALA A 321 6.92 3.69 -14.87
N CYS A 322 8.11 3.55 -14.31
CA CYS A 322 8.58 2.24 -13.84
C CYS A 322 7.83 1.79 -12.61
N MET A 323 7.63 2.69 -11.67
CA MET A 323 6.79 2.38 -10.52
C MET A 323 5.33 2.19 -10.90
N LYS A 324 4.77 3.06 -11.74
CA LYS A 324 3.45 2.77 -12.31
C LYS A 324 3.50 1.38 -12.88
N GLU A 325 4.54 1.08 -13.66
CA GLU A 325 4.56 -0.21 -14.37
C GLU A 325 4.58 -1.38 -13.38
N ALA A 326 5.41 -1.33 -12.35
CA ALA A 326 5.44 -2.35 -11.30
C ALA A 326 4.05 -2.59 -10.70
N LEU A 327 3.31 -1.52 -10.50
CA LEU A 327 1.90 -1.62 -10.07
C LEU A 327 0.93 -2.27 -11.10
N ARG A 328 1.15 -2.08 -12.39
CA ARG A 328 0.36 -2.80 -13.40
C ARG A 328 0.79 -4.26 -13.39
N MET A 329 2.01 -4.51 -12.92
CA MET A 329 2.52 -5.89 -12.85
C MET A 329 2.41 -6.52 -11.50
N TYR A 330 2.23 -5.72 -10.46
CA TYR A 330 2.24 -6.27 -9.08
C TYR A 330 1.44 -5.51 -8.02
N PRO A 331 0.25 -5.05 -8.38
CA PRO A 331 -0.45 -4.21 -7.42
C PRO A 331 -0.59 -4.99 -6.12
N PRO A 332 -0.11 -4.44 -5.01
CA PRO A 332 0.02 -5.23 -3.79
C PRO A 332 -1.32 -5.47 -3.07
N LEU A 333 -2.34 -4.76 -3.53
CA LEU A 333 -3.69 -5.04 -3.15
C LEU A 333 -4.35 -5.58 -4.39
N ILE A 334 -4.31 -6.90 -4.50
CA ILE A 334 -4.80 -7.62 -5.66
C ILE A 334 -6.32 -7.64 -5.77
N MET A 335 -7.01 -7.33 -4.66
CA MET A 335 -8.45 -7.43 -4.53
C MET A 335 -9.06 -6.31 -3.70
N ILE A 336 -9.96 -5.53 -4.32
CA ILE A 336 -10.77 -4.53 -3.65
C ILE A 336 -12.14 -5.11 -3.35
N MET A 337 -12.60 -5.02 -2.10
CA MET A 337 -13.88 -5.65 -1.71
C MET A 337 -14.88 -4.73 -1.01
N ARG A 338 -16.15 -4.96 -1.32
CA ARG A 338 -17.28 -4.22 -0.77
C ARG A 338 -18.40 -5.21 -0.53
N MET A 339 -19.00 -5.19 0.67
CA MET A 339 -20.26 -5.92 0.86
C MET A 339 -21.46 -5.10 0.36
N ALA A 340 -22.39 -5.77 -0.32
CA ALA A 340 -23.65 -5.17 -0.74
C ALA A 340 -24.69 -5.24 0.37
N ARG A 341 -25.47 -4.17 0.46
CA ARG A 341 -26.44 -4.00 1.53
C ARG A 341 -27.79 -3.82 0.90
N LYS A 342 -27.82 -3.19 -0.26
CA LYS A 342 -28.98 -3.23 -1.11
C LYS A 342 -28.63 -4.23 -2.18
N PRO A 343 -29.61 -4.72 -2.98
CA PRO A 343 -29.14 -5.48 -4.13
C PRO A 343 -28.80 -4.52 -5.25
N ARG A 344 -27.93 -4.96 -6.17
CA ARG A 344 -27.31 -4.06 -7.14
C ARG A 344 -27.63 -4.50 -8.56
N GLU A 345 -27.87 -3.54 -9.44
CA GLU A 345 -28.01 -3.86 -10.84
C GLU A 345 -26.72 -3.61 -11.58
N CYS A 346 -26.14 -4.65 -12.14
CA CYS A 346 -24.97 -4.51 -12.96
C CYS A 346 -25.21 -5.26 -14.25
N GLU A 347 -25.02 -4.60 -15.39
CA GLU A 347 -25.28 -5.24 -16.66
C GLU A 347 -26.72 -5.72 -16.70
N GLN A 348 -26.90 -6.98 -17.06
CA GLN A 348 -28.23 -7.59 -17.09
C GLN A 348 -28.59 -8.24 -15.75
N TYR A 349 -27.60 -8.39 -14.86
CA TYR A 349 -27.75 -9.19 -13.64
C TYR A 349 -28.25 -8.34 -12.46
N ILE A 350 -28.48 -9.01 -11.33
CA ILE A 350 -28.84 -8.33 -10.09
C ILE A 350 -28.12 -8.99 -8.92
N ILE A 351 -26.97 -8.42 -8.54
CA ILE A 351 -26.18 -9.01 -7.49
C ILE A 351 -26.92 -8.86 -6.17
N PRO A 352 -27.14 -9.96 -5.46
CA PRO A 352 -27.99 -9.93 -4.25
C PRO A 352 -27.34 -9.33 -3.01
N LYS A 353 -28.14 -8.65 -2.20
CA LYS A 353 -27.72 -8.19 -0.88
C LYS A 353 -26.96 -9.31 -0.17
N GLY A 354 -26.01 -8.93 0.69
CA GLY A 354 -25.24 -9.89 1.47
C GLY A 354 -24.00 -10.42 0.75
N ASN A 355 -24.00 -10.30 -0.59
CA ASN A 355 -22.88 -10.70 -1.41
C ASN A 355 -21.67 -9.84 -1.15
N ILE A 356 -20.52 -10.31 -1.57
CA ILE A 356 -19.34 -9.50 -1.57
C ILE A 356 -18.90 -9.25 -3.00
N LEU A 357 -18.80 -7.98 -3.38
CA LEU A 357 -18.35 -7.61 -4.72
C LEU A 357 -16.84 -7.41 -4.71
N VAL A 358 -16.21 -7.95 -5.75
CA VAL A 358 -14.75 -7.94 -5.85
C VAL A 358 -14.29 -7.40 -7.19
N VAL A 359 -13.26 -6.58 -7.11
CA VAL A 359 -12.56 -6.06 -8.26
C VAL A 359 -11.06 -6.20 -8.02
N SER A 360 -10.34 -6.61 -9.06
CA SER A 360 -8.90 -6.83 -8.96
C SER A 360 -8.12 -5.90 -9.88
N PRO A 361 -7.09 -5.23 -9.32
CA PRO A 361 -6.13 -4.54 -10.19
C PRO A 361 -5.19 -5.53 -10.85
N SER A 362 -4.64 -6.42 -10.03
CA SER A 362 -3.88 -7.57 -10.50
C SER A 362 -4.39 -8.03 -11.85
N VAL A 363 -5.69 -8.26 -11.92
CA VAL A 363 -6.33 -8.67 -13.16
C VAL A 363 -6.33 -7.56 -14.18
N ALA A 364 -6.92 -6.43 -13.81
CA ALA A 364 -7.16 -5.33 -14.76
C ALA A 364 -5.87 -4.93 -15.46
N GLY A 365 -4.74 -5.08 -14.75
CA GLY A 365 -3.43 -4.78 -15.30
C GLY A 365 -2.98 -5.76 -16.37
N ARG A 366 -3.64 -6.90 -16.44
CA ARG A 366 -3.23 -7.92 -17.38
C ARG A 366 -4.36 -8.25 -18.34
N CYS A 367 -5.47 -7.52 -18.28
CA CYS A 367 -6.50 -7.68 -19.28
C CYS A 367 -5.82 -7.41 -20.60
N THR A 368 -6.40 -7.85 -21.71
CA THR A 368 -5.64 -7.85 -22.97
C THR A 368 -6.12 -6.81 -23.95
N ASP A 369 -7.30 -6.21 -23.70
CA ASP A 369 -7.81 -5.10 -24.51
C ASP A 369 -7.04 -3.84 -24.13
N THR A 370 -6.77 -3.72 -22.83
CA THR A 370 -5.94 -2.65 -22.30
C THR A 370 -4.47 -2.83 -22.70
N TYR A 371 -3.93 -4.03 -22.57
CA TYR A 371 -2.48 -4.20 -22.60
C TYR A 371 -1.98 -5.33 -23.48
N THR A 372 -1.09 -4.96 -24.41
CA THR A 372 -0.37 -5.88 -25.24
C THR A 372 0.87 -6.36 -24.52
N ASN A 373 1.28 -7.58 -24.82
CA ASN A 373 2.36 -8.27 -24.10
C ASN A 373 2.42 -7.90 -22.62
N PRO A 374 1.30 -8.09 -21.91
CA PRO A 374 1.19 -7.58 -20.54
C PRO A 374 2.07 -8.33 -19.52
N ASP A 375 2.71 -9.42 -19.94
CA ASP A 375 3.75 -10.04 -19.13
C ASP A 375 5.10 -9.34 -19.32
N VAL A 376 5.15 -8.34 -20.19
CA VAL A 376 6.40 -7.63 -20.44
C VAL A 376 6.43 -6.28 -19.74
N PHE A 377 7.38 -6.14 -18.81
CA PHE A 377 7.64 -4.90 -18.13
C PHE A 377 8.22 -3.91 -19.11
N ASP A 378 7.51 -2.81 -19.37
CA ASP A 378 7.81 -1.95 -20.50
C ASP A 378 7.27 -0.55 -20.27
N PRO A 379 7.94 0.24 -19.44
CA PRO A 379 7.33 1.54 -19.18
C PRO A 379 6.81 2.28 -20.41
N GLU A 380 7.38 2.04 -21.59
CA GLU A 380 6.91 2.71 -22.81
C GLU A 380 5.45 2.43 -23.16
N ARG A 381 4.84 1.42 -22.53
CA ARG A 381 3.43 1.16 -22.75
C ARG A 381 2.58 2.27 -22.16
N LEU A 382 3.12 2.91 -21.12
CA LEU A 382 2.42 3.97 -20.38
C LEU A 382 2.75 5.35 -20.94
N THR A 383 4.04 5.62 -21.18
CA THR A 383 4.52 6.96 -21.53
C THR A 383 4.27 7.32 -22.99
N GLU A 384 4.36 6.33 -23.87
CA GLU A 384 4.20 6.58 -25.30
C GLU A 384 2.90 5.98 -25.82
N ARG A 385 2.65 4.72 -25.49
CA ARG A 385 1.50 4.01 -26.02
C ARG A 385 0.19 4.38 -25.30
N LYS A 386 0.31 4.89 -24.07
CA LYS A 386 -0.84 5.42 -23.32
C LYS A 386 -1.86 4.37 -22.89
N GLU A 387 -1.50 3.09 -23.01
CA GLU A 387 -2.47 1.98 -22.89
C GLU A 387 -3.48 2.10 -21.74
N HIS A 388 -3.10 2.78 -20.65
CA HIS A 388 -3.98 2.91 -19.47
C HIS A 388 -5.11 3.94 -19.65
N GLU A 389 -4.96 4.86 -20.59
CA GLU A 389 -6.02 5.84 -20.87
C GLU A 389 -7.18 5.22 -21.64
N LYS A 390 -6.94 4.09 -22.29
CA LYS A 390 -7.97 3.48 -23.10
C LYS A 390 -9.32 3.56 -22.38
N PHE A 391 -9.48 2.74 -21.35
CA PHE A 391 -10.72 2.73 -20.55
C PHE A 391 -10.56 3.53 -19.26
N LYS A 392 -11.67 4.14 -18.83
CA LYS A 392 -11.65 5.07 -17.70
C LYS A 392 -11.23 4.40 -16.37
N TYR A 393 -11.41 3.09 -16.26
CA TYR A 393 -10.91 2.31 -15.11
C TYR A 393 -9.98 1.21 -15.58
N GLY A 394 -9.19 1.52 -16.60
CA GLY A 394 -8.24 0.56 -17.18
C GLY A 394 -7.12 0.13 -16.24
N ALA A 395 -6.80 0.97 -15.25
CA ALA A 395 -5.68 0.69 -14.33
C ALA A 395 -5.85 1.42 -13.02
N VAL A 396 -5.96 0.67 -11.93
CA VAL A 396 -6.53 1.16 -10.69
C VAL A 396 -5.70 0.72 -9.45
N PRO A 397 -4.38 0.92 -9.49
CA PRO A 397 -3.60 0.38 -8.38
C PRO A 397 -3.93 1.05 -7.05
N PHE A 398 -4.48 2.26 -7.11
CA PHE A 398 -4.80 3.05 -5.92
C PHE A 398 -6.29 3.05 -5.58
N GLY A 399 -7.06 2.26 -6.29
CA GLY A 399 -8.50 2.34 -6.19
C GLY A 399 -8.90 3.60 -6.91
N ALA A 400 -10.12 4.07 -6.67
CA ALA A 400 -10.66 5.21 -7.37
C ALA A 400 -11.91 5.70 -6.63
N GLY A 401 -12.64 6.62 -7.27
CA GLY A 401 -13.85 7.17 -6.70
C GLY A 401 -13.69 7.50 -5.22
N ARG A 402 -14.79 7.40 -4.48
CA ARG A 402 -14.84 7.81 -3.08
C ARG A 402 -13.64 7.35 -2.23
N HIS A 403 -13.02 6.22 -2.57
CA HIS A 403 -11.99 5.68 -1.67
C HIS A 403 -10.59 5.54 -2.28
N LYS A 404 -10.41 6.07 -3.50
CA LYS A 404 -9.08 6.24 -4.07
C LYS A 404 -8.01 6.44 -2.97
N CYS A 405 -6.85 5.79 -3.09
CA CYS A 405 -5.82 5.96 -2.10
C CYS A 405 -5.48 7.42 -1.95
N ILE A 406 -5.28 7.82 -0.70
CA ILE A 406 -4.89 9.17 -0.34
C ILE A 406 -3.38 9.26 -0.04
N GLY A 407 -2.67 8.15 -0.23
CA GLY A 407 -1.21 8.14 -0.15
C GLY A 407 -0.49 8.23 -1.49
N GLU A 408 -1.26 8.09 -2.57
CA GLU A 408 -0.74 8.12 -3.94
C GLU A 408 0.53 8.95 -4.06
N ASN A 409 0.42 10.24 -3.76
CA ASN A 409 1.53 11.14 -3.92
C ASN A 409 2.63 10.93 -2.92
N PHE A 410 2.32 10.46 -1.71
CA PHE A 410 3.36 10.22 -0.73
C PHE A 410 4.14 9.00 -1.16
N ALA A 411 3.38 8.00 -1.59
CA ALA A 411 3.92 6.76 -2.12
C ALA A 411 4.94 7.05 -3.22
N LEU A 412 4.43 7.58 -4.33
CA LEU A 412 5.25 8.01 -5.44
C LEU A 412 6.47 8.77 -4.95
N LEU A 413 6.29 9.60 -3.96
CA LEU A 413 7.38 10.40 -3.45
C LEU A 413 8.36 9.49 -2.75
N GLN A 414 7.84 8.53 -1.99
CA GLN A 414 8.67 7.82 -1.05
C GLN A 414 9.54 6.80 -1.77
N VAL A 415 9.01 6.22 -2.83
CA VAL A 415 9.74 5.19 -3.57
C VAL A 415 10.73 5.87 -4.50
N LYS A 416 10.21 6.51 -5.55
CA LYS A 416 11.03 7.30 -6.45
C LYS A 416 12.24 7.85 -5.69
N SER A 417 12.03 8.45 -4.52
CA SER A 417 13.14 8.99 -3.76
C SER A 417 14.14 7.92 -3.37
N ILE A 418 13.64 6.88 -2.72
CA ILE A 418 14.50 5.79 -2.26
C ILE A 418 15.28 5.14 -3.40
N ILE A 419 14.67 4.96 -4.55
CA ILE A 419 15.33 4.28 -5.65
C ILE A 419 16.42 5.17 -6.27
N SER A 420 16.06 6.41 -6.55
CA SER A 420 17.04 7.42 -6.92
C SER A 420 18.18 7.39 -5.91
N ILE A 421 18.07 8.11 -4.82
CA ILE A 421 19.09 8.02 -3.77
C ILE A 421 19.89 6.71 -3.79
N LEU A 422 19.22 5.57 -3.93
CA LEU A 422 19.94 4.28 -3.91
C LEU A 422 20.89 4.13 -5.09
N LEU A 423 20.36 4.21 -6.31
CA LEU A 423 21.16 4.17 -7.53
C LEU A 423 22.42 4.99 -7.39
N ARG A 424 22.22 6.27 -7.08
CA ARG A 424 23.32 7.13 -6.81
C ARG A 424 24.40 6.32 -6.10
N TYR A 425 24.15 5.97 -4.84
CA TYR A 425 25.14 5.20 -4.10
C TYR A 425 25.70 4.03 -4.91
N PHE A 426 24.82 3.21 -5.48
CA PHE A 426 25.19 1.85 -5.91
C PHE A 426 24.95 1.51 -7.37
N ASP A 427 25.83 0.64 -7.86
CA ASP A 427 25.59 -0.18 -9.02
C ASP A 427 25.17 -1.52 -8.47
N MET A 428 24.01 -1.98 -8.94
CA MET A 428 23.35 -3.12 -8.35
C MET A 428 22.79 -3.96 -9.48
N GLU A 429 22.87 -5.28 -9.34
CA GLU A 429 22.36 -6.21 -10.34
C GLU A 429 21.72 -7.38 -9.63
N TYR A 430 20.74 -8.00 -10.30
CA TYR A 430 19.85 -8.98 -9.68
C TYR A 430 20.19 -10.43 -10.07
N ILE A 431 19.79 -11.37 -9.23
CA ILE A 431 20.30 -12.74 -9.25
C ILE A 431 19.22 -13.75 -9.66
N GLY A 432 19.32 -14.25 -10.88
CA GLY A 432 18.28 -15.14 -11.40
C GLY A 432 17.04 -14.34 -11.75
N LYS A 433 15.93 -15.04 -11.98
CA LYS A 433 14.72 -14.41 -12.54
C LYS A 433 13.97 -13.55 -11.53
N ILE A 434 13.14 -12.67 -12.06
CA ILE A 434 12.10 -12.00 -11.30
C ILE A 434 11.22 -13.10 -10.73
N PRO A 435 11.20 -13.25 -9.39
CA PRO A 435 10.30 -14.29 -8.88
C PRO A 435 8.87 -13.91 -9.18
N ASP A 436 7.96 -14.89 -9.07
CA ASP A 436 6.53 -14.66 -9.28
C ASP A 436 5.92 -14.07 -8.01
N PRO A 437 4.65 -13.63 -8.08
CA PRO A 437 3.99 -13.15 -6.87
C PRO A 437 3.80 -14.26 -5.86
N SER A 438 3.74 -13.88 -4.59
CA SER A 438 3.45 -14.83 -3.54
C SER A 438 2.13 -14.40 -2.91
N TYR A 439 1.14 -15.29 -2.98
CA TYR A 439 -0.19 -15.00 -2.47
C TYR A 439 -0.40 -15.52 -1.05
N THR A 440 0.58 -15.29 -0.18
CA THR A 440 0.52 -15.77 1.20
C THR A 440 0.00 -14.74 2.19
N SER A 441 0.15 -13.45 1.87
CA SER A 441 -0.23 -12.38 2.79
C SER A 441 -1.29 -11.43 2.22
N LEU A 442 -1.76 -10.55 3.10
CA LEU A 442 -2.87 -9.66 2.79
C LEU A 442 -2.40 -8.49 1.92
N VAL A 443 -1.11 -8.19 1.98
CA VAL A 443 -0.42 -7.37 0.97
C VAL A 443 0.56 -8.24 0.15
N VAL A 444 0.37 -8.28 -1.17
CA VAL A 444 1.01 -9.27 -2.04
C VAL A 444 2.34 -8.80 -2.68
N GLY A 445 3.45 -9.45 -2.31
CA GLY A 445 4.80 -9.06 -2.76
C GLY A 445 5.60 -10.17 -3.44
N PRO A 446 6.57 -9.80 -4.31
CA PRO A 446 7.21 -10.92 -4.97
C PRO A 446 7.94 -11.82 -3.94
N SER A 447 8.06 -13.10 -4.29
CA SER A 447 8.34 -14.19 -3.35
C SER A 447 9.83 -14.38 -3.04
N PRO A 448 10.16 -14.67 -1.78
CA PRO A 448 11.57 -14.73 -1.41
C PRO A 448 12.25 -16.01 -1.93
N PRO A 449 13.58 -15.95 -2.13
CA PRO A 449 14.43 -14.83 -1.83
C PRO A 449 14.56 -13.91 -3.03
N THR A 450 14.85 -12.63 -2.78
CA THR A 450 15.08 -11.70 -3.88
C THR A 450 16.40 -10.96 -3.67
N ARG A 451 17.49 -11.64 -4.01
CA ARG A 451 18.82 -11.14 -3.68
C ARG A 451 19.39 -10.32 -4.83
N MET A 452 20.31 -9.43 -4.51
CA MET A 452 20.99 -8.65 -5.54
C MET A 452 22.41 -8.28 -5.14
N ARG A 453 23.28 -8.23 -6.15
CA ARG A 453 24.64 -7.78 -5.93
C ARG A 453 24.63 -6.28 -6.00
N TYR A 454 25.42 -5.68 -5.13
CA TYR A 454 25.54 -4.24 -5.08
C TYR A 454 26.98 -3.87 -4.82
N LYS A 455 27.45 -2.83 -5.51
CA LYS A 455 28.75 -2.25 -5.20
C LYS A 455 28.63 -0.77 -5.43
N LEU A 456 29.46 0.00 -4.73
CA LEU A 456 29.31 1.45 -4.66
C LEU A 456 29.82 2.12 -5.94
N ARG A 457 29.81 3.45 -5.96
CA ARG A 457 30.13 4.21 -7.17
C ARG A 457 31.09 5.40 -6.97
N LYS A 458 31.30 5.82 -5.72
CA LYS A 458 32.41 6.71 -5.40
C LYS A 458 33.32 6.04 -4.39
N GLN A 459 34.56 5.76 -4.80
CA GLN A 459 35.59 5.26 -3.89
C GLN A 459 35.82 6.25 -2.74
CHA HEM B . -6.96 3.37 -0.05
CHB HEM B . -3.54 1.27 -2.89
CHC HEM B . -0.04 3.58 -0.38
CHD HEM B . -3.39 5.18 2.82
C1A HEM B . -6.32 2.60 -1.13
C2A HEM B . -7.10 1.80 -2.08
C3A HEM B . -6.07 1.19 -2.92
C4A HEM B . -4.84 1.69 -2.34
CMA HEM B . -6.22 0.25 -4.07
CAA HEM B . -8.59 1.70 -2.23
CBA HEM B . -9.23 0.73 -1.24
CGA HEM B . -10.69 0.65 -1.60
O1A HEM B . -11.38 -0.27 -1.11
O2A HEM B . -11.14 1.49 -2.43
C1B HEM B . -2.22 1.71 -2.44
C2B HEM B . -1.01 1.28 -3.16
C3B HEM B . 0.06 1.98 -2.41
C4B HEM B . -0.71 2.75 -1.39
CMB HEM B . -0.99 0.33 -4.34
CAB HEM B . 1.57 2.02 -2.54
CBB HEM B . 2.15 0.94 -3.43
C1C HEM B . -0.65 4.24 0.77
C2C HEM B . 0.20 4.92 1.77
C3C HEM B . -0.82 5.41 2.71
C4C HEM B . -2.10 4.94 2.16
CMC HEM B . 1.69 5.04 1.72
CAC HEM B . -0.67 6.15 4.00
CBC HEM B . 0.50 6.46 4.51
C1D HEM B . -4.72 4.79 2.32
C2D HEM B . -5.92 5.21 3.04
C3D HEM B . -7.01 4.75 2.16
C4D HEM B . -6.29 4.06 1.05
CMD HEM B . -6.00 6.00 4.32
CAD HEM B . -8.47 4.86 2.51
CBD HEM B . -9.40 5.15 1.34
CGD HEM B . -10.78 4.96 1.91
O1D HEM B . -11.39 3.88 1.72
O2D HEM B . -11.20 5.83 2.70
NA HEM B . -4.99 2.51 -1.30
NB HEM B . -2.04 2.59 -1.43
NC HEM B . -1.98 4.25 1.02
ND HEM B . -4.94 4.16 1.14
FE HEM B . -3.49 3.39 -0.15
C1 EDO C . 23.81 12.93 2.96
O1 EDO C . 24.96 12.60 2.19
C2 EDO C . 23.97 12.42 4.40
O2 EDO C . 22.81 12.78 5.17
C1 EDO D . 1.08 -7.93 4.83
O1 EDO D . -0.36 -8.14 4.94
C2 EDO D . 1.77 -7.86 6.19
O2 EDO D . 0.75 -7.79 7.18
C1 EDO E . -1.72 4.62 -14.62
O1 EDO E . -1.78 4.79 -13.19
C2 EDO E . -0.33 4.98 -15.17
O2 EDO E . -0.08 6.38 -15.01
C1 EDO F . 1.82 -1.16 11.96
O1 EDO F . 1.14 -2.18 11.22
C2 EDO F . 3.16 -0.89 11.29
O2 EDO F . 4.00 -2.03 11.48
O TPF G . -6.63 -0.57 2.13
C1 TPF G . -5.63 -0.83 3.09
C2 TPF G . -5.91 -2.17 3.75
C5 TPF G . -4.23 -0.94 2.45
C8 TPF G . -5.68 0.22 4.15
N1 TPF G . -6.40 -3.13 2.75
C3 TPF G . -7.29 -3.02 1.76
N3 TPF G . -5.88 -4.44 2.81
N2 TPF G . -7.36 -4.26 1.19
C4 TPF G . -6.50 -5.10 1.81
N4 TPF G . -3.67 0.29 1.90
C6 TPF G . -3.91 0.97 0.79
N6 TPF G . -2.60 0.83 2.60
N5 TPF G . -3.04 2.00 0.80
C7 TPF G . -2.28 1.95 1.92
C9 TPF G . -6.43 1.40 4.09
C13 TPF G . -4.88 -0.07 5.34
C10 TPF G . -6.34 2.31 5.16
C11 TPF G . -5.52 2.06 6.26
F1 TPF G . -5.45 2.92 7.29
C12 TPF G . -4.79 0.87 6.36
F2 TPF G . -4.21 -1.24 5.36
#